data_7YHQ
#
_entry.id   7YHQ
#
_cell.length_a   1.00
_cell.length_b   1.00
_cell.length_c   1.00
_cell.angle_alpha   90.00
_cell.angle_beta   90.00
_cell.angle_gamma   90.00
#
_symmetry.space_group_name_H-M   'P 1'
#
loop_
_entity.id
_entity.type
_entity.pdbx_description
1 polymer 'Sex-determining region Y protein,DNA glycosylase/AP lyase ROS1'
2 polymer 'DNA (40-MER)'
3 polymer 'DNA (40-MER)'
4 non-polymer 'IRON/SULFUR CLUSTER'
#
loop_
_entity_poly.entity_id
_entity_poly.type
_entity_poly.pdbx_seq_one_letter_code
_entity_poly.pdbx_strand_id
1 'polypeptide(L)'
;SVQDRVKRPMNAFIVWSRDQRRKMALENPRMRNSEISKQLGYQWKMLTEAEKWPFFQEAQKLQAMHREKYPNYKYRKGGS
SAGAIVPVTPVKKPRPRPKVDLDDETDRVWKLLLENINSEGVDGSDEQKAKWWEEERNVFRGRADSFIARMHLVQGDRRF
TPWKGSVVDSVVGVFLTQNVSDHLSSSAFMSLASQFPVPFVPSSNFDAGTSSMPSIQITYLDSEETMSSPPDHNHSCQKP
TLKEKGKKVLKEEKKAFDWDCLRREAQARAGIREKTRSTMDTVDWKAIRAADVKEVAETIKSRGMNHKLAERIQGFLDRL
VNDHGSIDLEWLRDVPPDKAKEYLLSFNGLGLKSVECVRLLTLHHLAFPVDTNVGRIAVRLGWVPLQPLPESLQLHLLEM
YPMLESIQKYLWPRLCKLDQKTLYELHYQMITFGKVFCTKSKPNCNACPMKGECRHFASAFASARLALPSTEKTCCEPII
EEPASPEPETAEVSIADIEEAFFEDPEEIPTIRLNMDAFTSNLKKIMEHNKELQDGNMSSALVALTAETASLPMPKLKNI
SQLRTEHRVYELPDEHPLLAQLEKREPDDPCSYLLAIWTPGETADSIQPSVSTCIFQANGMLCDEETCFSCNSIKETRSQ
IVRGTILIPCRTAMRGSFPLNGTYFQVNEVFADHASSLNPINVPRELIWELPRRTVYFGTSVPTIFKGLSTEKIQACFWK
GYVCVRGFDRKTRGPKPLIARLHFPASKLKGQQANLA
;
A
2 'polydeoxyribonucleotide'
;(DT)(DA)(DG)(DC)(DT)(DG)(DA)(DG)(DT)(DG)(DA)(DT)(DC)(DC)(DG)(DG)(DA)(DG)(DT)(DC)
(DT)(DG)(DA)(DA)(DA)(DC)(DA)(DA)(DT)(DG)(DC)(DA)(DT)(DC)(DA)(DC)(DA)(DT)(DG)(DC)
;
B
3 'polydeoxyribonucleotide'
;(DG)(DC)(DA)(DT)(DG)(DT)(DG)(DA)(DT)(DG)(DC)(DA)(DT)(DT)(DG)(DT)(DT)(DT)(DC)(DA)
(DG)(DA)(DC)(DT)(DC)(PED)(DG)(DG)(DA)(DT)(DC)(DA)(DC)(DT)(DC)(DA)(DG)(DC)(DT)
(DA)
;
C
#
# COMPACT_ATOMS: atom_id res chain seq x y z
N LYS A 131 -16.41 33.74 -2.67
CA LYS A 131 -17.44 33.12 -1.86
C LYS A 131 -18.00 31.91 -2.56
N TRP A 132 -18.16 31.99 -3.88
CA TRP A 132 -18.58 30.82 -4.63
C TRP A 132 -17.46 29.80 -4.49
N TRP A 133 -16.22 30.20 -4.35
CA TRP A 133 -15.21 29.17 -4.14
C TRP A 133 -15.53 28.41 -2.85
N GLU A 134 -16.01 29.15 -1.87
CA GLU A 134 -16.28 28.54 -0.59
C GLU A 134 -17.32 27.45 -0.69
N GLU A 135 -18.36 27.67 -1.48
CA GLU A 135 -19.42 26.66 -1.56
C GLU A 135 -18.89 25.37 -2.16
N GLU A 136 -18.07 25.47 -3.20
CA GLU A 136 -17.53 24.28 -3.82
C GLU A 136 -16.67 23.55 -2.82
N ARG A 137 -15.87 24.32 -2.09
CA ARG A 137 -15.00 23.67 -1.13
C ARG A 137 -15.86 22.92 -0.13
N ASN A 138 -16.92 23.54 0.35
CA ASN A 138 -17.77 22.91 1.35
C ASN A 138 -18.43 21.65 0.86
N VAL A 139 -18.93 21.70 -0.37
CA VAL A 139 -19.60 20.53 -0.92
C VAL A 139 -18.60 19.37 -1.07
N PHE A 140 -17.37 19.67 -1.50
CA PHE A 140 -16.38 18.61 -1.61
C PHE A 140 -16.04 18.04 -0.25
N ARG A 141 -15.97 18.91 0.75
CA ARG A 141 -15.65 18.46 2.09
C ARG A 141 -16.73 17.50 2.51
N GLY A 142 -17.96 17.85 2.21
CA GLY A 142 -19.07 16.97 2.55
C GLY A 142 -19.04 15.63 1.86
N ARG A 143 -18.70 15.62 0.58
CA ARG A 143 -18.62 14.36 -0.14
C ARG A 143 -17.57 13.51 0.55
N ALA A 144 -16.45 14.13 0.88
CA ALA A 144 -15.37 13.37 1.48
C ALA A 144 -15.80 12.78 2.80
N ASP A 145 -16.51 13.57 3.58
CA ASP A 145 -16.95 13.11 4.88
C ASP A 145 -17.92 11.94 4.77
N SER A 146 -18.84 12.02 3.81
CA SER A 146 -19.80 10.94 3.64
C SER A 146 -19.02 9.71 3.29
N PHE A 147 -18.02 9.88 2.44
CA PHE A 147 -17.22 8.74 2.00
C PHE A 147 -16.40 8.12 3.11
N ILE A 148 -15.57 8.92 3.77
CA ILE A 148 -14.65 8.38 4.77
C ILE A 148 -15.43 7.66 5.87
N ALA A 149 -16.70 7.99 6.03
CA ALA A 149 -17.53 7.38 7.06
C ALA A 149 -18.23 6.13 6.55
N ARG A 150 -18.86 6.21 5.37
CA ARG A 150 -19.69 5.14 4.84
C ARG A 150 -18.88 3.86 4.69
N MET A 151 -17.65 3.99 4.20
CA MET A 151 -16.76 2.85 4.08
C MET A 151 -16.14 2.48 5.43
N HIS A 152 -16.06 3.42 6.36
CA HIS A 152 -15.43 3.12 7.64
C HIS A 152 -16.14 1.97 8.35
N LEU A 153 -17.40 1.74 8.00
CA LEU A 153 -18.11 0.56 8.48
C LEU A 153 -17.72 -0.71 7.75
N VAL A 154 -16.82 -0.63 6.78
CA VAL A 154 -16.46 -1.80 5.97
C VAL A 154 -14.99 -2.14 6.18
N GLN A 155 -14.10 -1.15 6.02
CA GLN A 155 -12.67 -1.39 6.16
C GLN A 155 -12.19 -1.35 7.61
N GLY A 156 -13.10 -1.38 8.57
CA GLY A 156 -12.64 -1.40 9.95
C GLY A 156 -12.05 -0.07 10.38
N ASP A 157 -10.87 -0.14 11.00
CA ASP A 157 -10.19 1.02 11.54
C ASP A 157 -8.98 1.32 10.65
N ARG A 158 -9.11 2.33 9.81
CA ARG A 158 -8.00 2.86 9.01
C ARG A 158 -7.37 4.08 9.65
N ARG A 159 -7.30 4.10 10.98
CA ARG A 159 -6.76 5.22 11.72
C ARG A 159 -5.25 5.34 11.45
N PHE A 160 -4.72 6.56 11.61
CA PHE A 160 -3.31 6.82 11.43
C PHE A 160 -2.50 6.03 12.47
N THR A 161 -1.46 5.35 12.01
CA THR A 161 -0.51 4.66 12.88
C THR A 161 0.89 4.90 12.35
N PRO A 162 1.76 5.56 13.11
CA PRO A 162 3.10 5.88 12.61
C PRO A 162 3.95 4.64 12.41
N TRP A 163 4.85 4.75 11.43
CA TRP A 163 5.86 3.74 11.17
C TRP A 163 7.24 4.37 11.27
N LYS A 164 8.23 3.54 11.60
CA LYS A 164 9.60 4.02 11.73
C LYS A 164 10.21 4.21 10.34
N GLY A 165 11.50 4.51 10.29
CA GLY A 165 12.19 4.61 9.01
C GLY A 165 12.56 6.03 8.63
N SER A 166 13.64 6.16 7.86
CA SER A 166 14.13 7.46 7.44
C SER A 166 13.29 7.96 6.26
N VAL A 167 13.66 9.12 5.73
CA VAL A 167 12.97 9.64 4.55
C VAL A 167 13.56 9.08 3.26
N VAL A 168 14.85 8.72 3.26
CA VAL A 168 15.44 8.09 2.09
C VAL A 168 14.76 6.76 1.79
N ASP A 169 14.29 6.06 2.81
CA ASP A 169 13.49 4.87 2.56
C ASP A 169 12.25 5.21 1.75
N SER A 170 11.58 6.30 2.10
CA SER A 170 10.40 6.74 1.34
C SER A 170 10.78 7.12 -0.09
N VAL A 171 11.91 7.81 -0.26
CA VAL A 171 12.33 8.24 -1.59
C VAL A 171 12.62 7.03 -2.47
N VAL A 172 13.32 6.04 -1.93
CA VAL A 172 13.62 4.84 -2.71
C VAL A 172 12.34 4.07 -3.01
N GLY A 173 11.43 4.01 -2.04
CA GLY A 173 10.17 3.32 -2.28
C GLY A 173 9.35 3.96 -3.38
N VAL A 174 9.31 5.30 -3.40
CA VAL A 174 8.56 5.98 -4.45
C VAL A 174 9.28 5.89 -5.79
N PHE A 175 10.62 5.74 -5.77
CA PHE A 175 11.32 5.33 -6.97
C PHE A 175 10.75 4.00 -7.45
N LEU A 176 10.66 3.06 -6.52
CA LEU A 176 10.51 1.67 -6.88
C LEU A 176 9.09 1.34 -7.35
N THR A 177 8.08 1.99 -6.79
CA THR A 177 6.68 1.69 -7.12
C THR A 177 6.15 2.60 -8.22
N GLN A 178 7.03 3.04 -9.13
CA GLN A 178 6.62 4.06 -10.08
C GLN A 178 5.63 3.52 -11.11
N ASN A 179 5.92 2.36 -11.70
CA ASN A 179 5.06 1.82 -12.75
C ASN A 179 4.90 0.30 -12.59
N VAL A 180 4.67 -0.16 -11.36
CA VAL A 180 4.46 -1.58 -11.10
C VAL A 180 3.40 -1.71 -10.01
N SER A 181 2.81 -2.90 -9.90
CA SER A 181 1.79 -3.16 -8.92
C SER A 181 2.38 -3.13 -7.51
N ASP A 182 1.51 -3.06 -6.51
CA ASP A 182 1.92 -2.81 -5.13
C ASP A 182 2.65 -3.99 -4.50
N HIS A 183 2.11 -5.21 -4.65
CA HIS A 183 2.78 -6.37 -4.05
C HIS A 183 4.14 -6.61 -4.69
N LEU A 184 4.24 -6.45 -6.01
CA LEU A 184 5.53 -6.58 -6.67
C LEU A 184 6.51 -5.53 -6.17
N SER A 185 6.05 -4.30 -5.98
CA SER A 185 6.93 -3.24 -5.50
C SER A 185 7.40 -3.51 -4.08
N SER A 186 6.51 -3.97 -3.20
CA SER A 186 6.92 -4.29 -1.85
C SER A 186 7.92 -5.44 -1.84
N SER A 187 7.70 -6.45 -2.69
CA SER A 187 8.63 -7.56 -2.78
C SER A 187 10.00 -7.09 -3.25
N ALA A 188 10.04 -6.22 -4.27
CA ALA A 188 11.32 -5.72 -4.75
C ALA A 188 12.02 -4.90 -3.68
N PHE A 189 11.27 -4.10 -2.93
CA PHE A 189 11.88 -3.31 -1.86
C PHE A 189 12.48 -4.21 -0.79
N MET A 190 11.74 -5.25 -0.37
CA MET A 190 12.28 -6.14 0.66
C MET A 190 13.44 -6.96 0.13
N SER A 191 13.44 -7.28 -1.17
CA SER A 191 14.59 -7.92 -1.77
C SER A 191 15.82 -7.03 -1.69
N LEU A 192 15.64 -5.74 -1.98
CA LEU A 192 16.74 -4.80 -1.80
C LEU A 192 17.20 -4.76 -0.35
N ALA A 193 16.26 -4.75 0.59
CA ALA A 193 16.61 -4.66 2.00
C ALA A 193 17.40 -5.88 2.46
N SER A 194 16.98 -7.08 2.05
CA SER A 194 17.67 -8.29 2.46
C SER A 194 19.00 -8.47 1.74
N GLN A 195 19.11 -8.00 0.50
CA GLN A 195 20.37 -8.09 -0.23
C GLN A 195 21.46 -7.26 0.46
N PHE A 196 21.10 -6.09 0.98
CA PHE A 196 22.04 -5.25 1.72
C PHE A 196 21.41 -4.82 3.03
N PRO A 197 21.47 -5.69 4.08
CA PRO A 197 20.86 -5.19 5.31
C PRO A 197 21.79 -4.31 6.13
N VAL A 198 21.26 -3.32 6.83
CA VAL A 198 22.09 -2.50 7.69
C VAL A 198 22.56 -3.36 8.85
N PRO A 199 23.83 -3.20 9.26
CA PRO A 199 24.23 -3.94 10.45
C PRO A 199 23.45 -3.35 11.60
N PHE A 200 22.80 -4.18 12.41
CA PHE A 200 21.93 -3.64 13.46
C PHE A 200 22.05 -4.39 14.78
N VAL A 201 21.67 -3.73 15.87
CA VAL A 201 21.70 -4.38 17.16
C VAL A 201 20.44 -5.20 17.39
N ARG A 277 9.15 7.07 16.02
CA ARG A 277 9.71 6.95 14.69
C ARG A 277 11.23 6.98 14.72
N SER A 278 11.85 5.80 14.83
CA SER A 278 13.30 5.71 14.81
C SER A 278 13.80 5.91 13.38
N THR A 279 14.08 7.17 13.02
CA THR A 279 14.41 7.53 11.64
C THR A 279 15.82 7.04 11.33
N MET A 280 15.94 5.72 11.19
CA MET A 280 17.18 5.09 10.78
C MET A 280 16.89 4.18 9.60
N ASP A 281 17.69 4.31 8.55
CA ASP A 281 17.46 3.53 7.34
C ASP A 281 17.75 2.05 7.59
N THR A 282 16.82 1.20 7.19
CA THR A 282 17.00 -0.24 7.33
C THR A 282 17.97 -0.81 6.30
N VAL A 283 18.36 -0.03 5.30
CA VAL A 283 19.26 -0.48 4.26
C VAL A 283 20.49 0.41 4.26
N ASP A 284 21.67 -0.21 4.22
CA ASP A 284 22.93 0.52 4.19
C ASP A 284 23.19 1.03 2.77
N TRP A 285 22.59 2.19 2.47
CA TRP A 285 22.65 2.73 1.12
C TRP A 285 24.07 3.07 0.68
N LYS A 286 25.01 3.18 1.63
CA LYS A 286 26.41 3.33 1.26
C LYS A 286 26.91 2.10 0.50
N ALA A 287 26.45 0.92 0.90
CA ALA A 287 26.83 -0.30 0.20
C ALA A 287 26.33 -0.28 -1.25
N ILE A 288 25.09 0.19 -1.44
CA ILE A 288 24.56 0.35 -2.80
C ILE A 288 25.34 1.40 -3.56
N ARG A 289 25.77 2.47 -2.88
CA ARG A 289 26.60 3.47 -3.53
C ARG A 289 27.89 2.85 -4.04
N ALA A 290 28.49 1.98 -3.23
CA ALA A 290 29.71 1.27 -3.63
C ALA A 290 29.45 0.03 -4.46
N ALA A 291 28.19 -0.34 -4.67
CA ALA A 291 27.87 -1.55 -5.40
C ALA A 291 27.93 -1.31 -6.91
N ASP A 292 27.65 -2.34 -7.69
CA ASP A 292 27.65 -2.27 -9.14
C ASP A 292 26.23 -2.32 -9.69
N VAL A 293 26.06 -1.75 -10.89
CA VAL A 293 24.74 -1.66 -11.50
C VAL A 293 24.19 -3.05 -11.83
N LYS A 294 25.06 -3.96 -12.27
CA LYS A 294 24.61 -5.27 -12.70
C LYS A 294 23.95 -6.03 -11.55
N GLU A 295 24.62 -6.08 -10.40
CA GLU A 295 24.11 -6.87 -9.28
C GLU A 295 22.82 -6.26 -8.73
N VAL A 296 22.78 -4.94 -8.59
CA VAL A 296 21.58 -4.30 -8.05
C VAL A 296 20.41 -4.44 -9.01
N ALA A 297 20.67 -4.36 -10.32
CA ALA A 297 19.61 -4.63 -11.28
C ALA A 297 19.14 -6.07 -11.18
N GLU A 298 20.06 -7.00 -10.95
CA GLU A 298 19.67 -8.38 -10.70
C GLU A 298 18.83 -8.51 -9.44
N THR A 299 19.04 -7.62 -8.46
CA THR A 299 18.30 -7.69 -7.22
C THR A 299 16.80 -7.45 -7.45
N ILE A 300 16.46 -6.50 -8.33
CA ILE A 300 15.07 -6.17 -8.58
C ILE A 300 14.67 -6.68 -9.97
N LYS A 301 15.31 -7.77 -10.42
CA LYS A 301 14.96 -8.39 -11.69
C LYS A 301 13.50 -8.84 -11.72
N SER A 302 12.91 -9.10 -10.56
CA SER A 302 11.53 -9.57 -10.48
C SER A 302 10.52 -8.45 -10.60
N ARG A 303 10.97 -7.21 -10.76
CA ARG A 303 10.11 -6.05 -10.87
C ARG A 303 9.97 -5.54 -12.29
N GLY A 304 10.98 -5.74 -13.12
CA GLY A 304 11.06 -5.07 -14.39
C GLY A 304 11.77 -3.74 -14.29
N MET A 305 12.14 -3.20 -15.45
CA MET A 305 12.82 -1.91 -15.56
C MET A 305 14.09 -1.85 -14.73
N ASN A 306 14.67 -3.00 -14.37
CA ASN A 306 15.67 -3.03 -13.30
C ASN A 306 16.91 -2.24 -13.67
N HIS A 307 17.34 -2.30 -14.93
CA HIS A 307 18.47 -1.48 -15.36
C HIS A 307 18.16 0.01 -15.18
N LYS A 308 17.01 0.44 -15.70
CA LYS A 308 16.66 1.86 -15.65
C LYS A 308 16.48 2.34 -14.21
N LEU A 309 15.74 1.58 -13.41
CA LEU A 309 15.50 1.99 -12.03
C LEU A 309 16.79 1.98 -11.22
N ALA A 310 17.63 0.97 -11.42
CA ALA A 310 18.89 0.92 -10.70
C ALA A 310 19.79 2.10 -11.07
N GLU A 311 19.84 2.44 -12.36
CA GLU A 311 20.61 3.60 -12.78
C GLU A 311 20.06 4.87 -12.16
N ARG A 312 18.73 5.02 -12.11
CA ARG A 312 18.14 6.22 -11.53
C ARG A 312 18.46 6.32 -10.04
N ILE A 313 18.38 5.19 -9.32
CA ILE A 313 18.69 5.19 -7.90
C ILE A 313 20.15 5.55 -7.67
N GLN A 314 21.05 5.00 -8.48
CA GLN A 314 22.47 5.33 -8.36
C GLN A 314 22.70 6.81 -8.62
N GLY A 315 22.04 7.36 -9.64
CA GLY A 315 22.18 8.78 -9.91
C GLY A 315 21.66 9.65 -8.78
N PHE A 316 20.53 9.26 -8.20
CA PHE A 316 19.97 9.99 -7.06
C PHE A 316 20.94 9.99 -5.89
N LEU A 317 21.48 8.83 -5.55
CA LEU A 317 22.43 8.74 -4.44
C LEU A 317 23.69 9.53 -4.72
N ASP A 318 24.19 9.47 -5.95
CA ASP A 318 25.38 10.24 -6.30
C ASP A 318 25.11 11.74 -6.17
N ARG A 319 23.94 12.19 -6.65
CA ARG A 319 23.59 13.60 -6.52
C ARG A 319 23.54 14.01 -5.06
N LEU A 320 22.92 13.17 -4.22
CA LEU A 320 22.82 13.50 -2.80
C LEU A 320 24.20 13.62 -2.16
N VAL A 321 25.08 12.65 -2.43
CA VAL A 321 26.37 12.62 -1.75
C VAL A 321 27.27 13.75 -2.24
N ASN A 322 27.24 14.05 -3.55
CA ASN A 322 28.04 15.17 -4.02
C ASN A 322 27.41 16.50 -3.63
N ASP A 323 26.14 16.51 -3.24
CA ASP A 323 25.55 17.74 -2.70
C ASP A 323 26.03 17.99 -1.27
N HIS A 324 25.67 17.11 -0.35
CA HIS A 324 26.02 17.36 1.05
C HIS A 324 26.52 16.10 1.74
N GLY A 325 27.39 15.34 1.07
CA GLY A 325 28.12 14.28 1.74
C GLY A 325 27.28 13.10 2.17
N SER A 326 27.06 13.00 3.48
CA SER A 326 26.35 11.85 4.04
C SER A 326 24.93 11.76 3.50
N ILE A 327 24.41 10.55 3.49
CA ILE A 327 23.06 10.27 3.00
C ILE A 327 22.08 10.54 4.13
N ASP A 328 21.38 11.67 4.06
CA ASP A 328 20.44 12.04 5.11
C ASP A 328 19.49 13.10 4.56
N LEU A 329 18.21 12.96 4.93
CA LEU A 329 17.20 13.94 4.53
C LEU A 329 16.22 14.27 5.65
N GLU A 330 16.57 14.00 6.91
CA GLU A 330 15.67 14.29 8.01
C GLU A 330 15.40 15.78 8.11
N TRP A 331 16.34 16.60 7.63
CA TRP A 331 16.19 18.05 7.68
C TRP A 331 15.10 18.55 6.76
N LEU A 332 14.56 17.70 5.88
CA LEU A 332 13.41 18.10 5.07
C LEU A 332 12.20 18.38 5.94
N ARG A 333 12.20 17.91 7.19
CA ARG A 333 11.10 18.12 8.12
C ARG A 333 11.13 19.50 8.75
N ASP A 334 12.12 20.33 8.43
CA ASP A 334 12.27 21.64 9.06
C ASP A 334 11.90 22.79 8.11
N VAL A 335 12.30 22.70 6.86
CA VAL A 335 12.07 23.77 5.89
C VAL A 335 10.57 23.87 5.59
N PRO A 336 10.08 25.01 5.09
CA PRO A 336 8.68 25.08 4.71
C PRO A 336 8.39 24.12 3.58
N PRO A 337 7.15 23.63 3.50
CA PRO A 337 6.83 22.60 2.49
C PRO A 337 7.06 23.04 1.06
N ASP A 338 6.96 24.34 0.76
CA ASP A 338 7.10 24.80 -0.62
C ASP A 338 8.51 24.52 -1.15
N LYS A 339 9.53 24.92 -0.41
CA LYS A 339 10.90 24.75 -0.89
C LYS A 339 11.30 23.28 -0.89
N ALA A 340 10.83 22.51 0.10
CA ALA A 340 11.10 21.08 0.12
C ALA A 340 10.48 20.40 -1.08
N LYS A 341 9.24 20.76 -1.41
CA LYS A 341 8.58 20.21 -2.59
C LYS A 341 9.35 20.59 -3.85
N GLU A 342 9.79 21.85 -3.94
CA GLU A 342 10.55 22.28 -5.11
C GLU A 342 11.84 21.50 -5.26
N TYR A 343 12.58 21.28 -4.17
CA TYR A 343 13.84 20.56 -4.28
C TYR A 343 13.62 19.09 -4.60
N LEU A 344 12.60 18.47 -4.01
CA LEU A 344 12.31 17.08 -4.31
C LEU A 344 11.91 16.91 -5.77
N LEU A 345 11.08 17.83 -6.28
CA LEU A 345 10.71 17.79 -7.69
C LEU A 345 11.90 18.11 -8.59
N SER A 346 12.89 18.82 -8.08
CA SER A 346 14.04 19.23 -8.88
C SER A 346 14.84 18.02 -9.36
N PHE A 347 14.60 16.87 -8.76
CA PHE A 347 15.27 15.64 -9.17
C PHE A 347 14.71 15.15 -10.50
N ASN A 348 15.48 14.29 -11.15
CA ASN A 348 15.05 13.59 -12.35
C ASN A 348 14.48 12.24 -11.96
N GLY A 349 13.47 11.80 -12.72
CA GLY A 349 12.78 10.57 -12.41
C GLY A 349 11.59 10.72 -11.48
N LEU A 350 11.31 11.95 -11.02
CA LEU A 350 10.16 12.21 -10.14
C LEU A 350 9.27 13.24 -10.82
N GLY A 351 8.01 12.87 -11.02
CA GLY A 351 7.04 13.83 -11.52
C GLY A 351 6.44 14.62 -10.38
N LEU A 352 5.15 14.91 -10.46
CA LEU A 352 4.45 15.60 -9.38
C LEU A 352 3.74 14.65 -8.43
N LYS A 353 3.21 13.54 -8.95
CA LYS A 353 2.54 12.56 -8.11
C LYS A 353 3.49 12.01 -7.05
N SER A 354 4.72 11.69 -7.44
CA SER A 354 5.66 11.09 -6.50
C SER A 354 5.98 12.04 -5.36
N VAL A 355 6.26 13.31 -5.67
CA VAL A 355 6.61 14.25 -4.62
C VAL A 355 5.40 14.55 -3.74
N GLU A 356 4.21 14.65 -4.32
CA GLU A 356 3.01 14.85 -3.52
C GLU A 356 2.81 13.68 -2.56
N CYS A 357 3.01 12.46 -3.05
CA CYS A 357 2.84 11.28 -2.22
C CYS A 357 3.85 11.25 -1.09
N VAL A 358 5.11 11.54 -1.40
CA VAL A 358 6.16 11.53 -0.37
C VAL A 358 5.86 12.57 0.69
N ARG A 359 5.43 13.76 0.27
CA ARG A 359 5.15 14.83 1.23
C ARG A 359 3.96 14.46 2.11
N LEU A 360 2.88 13.96 1.52
CA LEU A 360 1.67 13.73 2.31
C LEU A 360 1.84 12.55 3.25
N LEU A 361 2.33 11.42 2.75
CA LEU A 361 2.30 10.19 3.54
C LEU A 361 3.48 10.03 4.48
N THR A 362 4.51 10.88 4.32
CA THR A 362 5.73 10.76 5.17
C THR A 362 5.97 12.05 5.94
N LEU A 363 5.93 13.20 5.26
CA LEU A 363 6.19 14.48 5.90
C LEU A 363 4.93 15.15 6.43
N HIS A 364 3.77 14.54 6.22
CA HIS A 364 2.50 14.97 6.83
C HIS A 364 2.11 16.38 6.42
N HIS A 365 2.47 16.79 5.21
CA HIS A 365 2.11 18.11 4.71
C HIS A 365 0.66 18.07 4.23
N LEU A 366 0.27 19.10 3.50
CA LEU A 366 -1.05 19.17 2.86
C LEU A 366 -0.85 18.83 1.39
N ALA A 367 -1.02 17.55 1.05
CA ALA A 367 -0.80 17.07 -0.31
C ALA A 367 -1.77 15.93 -0.59
N PHE A 368 -2.02 15.69 -1.88
CA PHE A 368 -2.91 14.62 -2.31
C PHE A 368 -2.39 14.01 -3.60
N PRO A 369 -1.72 12.86 -3.54
CA PRO A 369 -1.25 12.16 -4.73
C PRO A 369 -2.40 11.39 -5.37
N VAL A 370 -2.58 11.59 -6.68
CA VAL A 370 -3.63 10.87 -7.42
C VAL A 370 -2.94 9.78 -8.25
N ASP A 371 -3.19 8.53 -7.86
CA ASP A 371 -2.67 7.41 -8.68
C ASP A 371 -3.72 7.12 -9.75
N THR A 372 -3.60 6.00 -10.46
CA THR A 372 -4.62 5.65 -11.46
C THR A 372 -5.97 5.46 -10.80
N ASN A 373 -6.01 4.80 -9.64
CA ASN A 373 -7.28 4.52 -8.98
C ASN A 373 -7.99 5.81 -8.61
N VAL A 374 -7.26 6.74 -7.98
CA VAL A 374 -7.88 7.96 -7.46
C VAL A 374 -8.46 8.80 -8.59
N GLY A 375 -7.74 8.95 -9.70
CA GLY A 375 -8.26 9.70 -10.82
C GLY A 375 -9.50 9.05 -11.40
N ARG A 376 -9.43 7.73 -11.59
CA ARG A 376 -10.57 6.99 -12.11
C ARG A 376 -11.77 7.10 -11.17
N ILE A 377 -11.54 6.96 -9.87
CA ILE A 377 -12.63 7.06 -8.90
C ILE A 377 -13.25 8.45 -8.93
N ALA A 378 -12.41 9.48 -8.86
CA ALA A 378 -12.89 10.86 -8.84
C ALA A 378 -13.58 11.27 -10.13
N VAL A 379 -13.28 10.61 -11.25
CA VAL A 379 -13.93 10.95 -12.50
C VAL A 379 -15.19 10.12 -12.69
N ARG A 380 -15.26 8.97 -12.01
CA ARG A 380 -16.39 8.07 -12.23
C ARG A 380 -17.53 8.29 -11.23
N LEU A 381 -17.24 8.76 -10.02
CA LEU A 381 -18.30 9.05 -9.08
C LEU A 381 -18.95 10.40 -9.40
N GLY A 382 -19.76 10.88 -8.47
CA GLY A 382 -20.46 12.13 -8.65
C GLY A 382 -19.54 13.33 -8.55
N TRP A 383 -18.26 13.06 -8.36
CA TRP A 383 -17.26 14.12 -8.26
C TRP A 383 -16.94 14.65 -9.66
N VAL A 384 -15.82 15.36 -9.78
CA VAL A 384 -15.41 16.08 -10.98
C VAL A 384 -15.64 15.23 -12.24
N PRO A 385 -16.23 15.80 -13.29
CA PRO A 385 -16.53 15.00 -14.48
C PRO A 385 -15.30 14.77 -15.33
N LEU A 386 -15.52 14.10 -16.47
CA LEU A 386 -14.45 13.80 -17.42
C LEU A 386 -14.17 14.96 -18.37
N GLN A 387 -14.81 16.10 -18.16
CA GLN A 387 -14.65 17.27 -19.04
C GLN A 387 -14.40 18.51 -18.17
N PRO A 388 -13.27 18.56 -17.45
CA PRO A 388 -13.04 19.70 -16.55
C PRO A 388 -12.88 21.01 -17.30
N LEU A 389 -11.87 21.06 -18.17
CA LEU A 389 -11.65 22.29 -18.99
C LEU A 389 -12.55 22.23 -20.22
N PRO A 390 -12.63 21.10 -20.97
CA PRO A 390 -13.43 21.02 -22.18
C PRO A 390 -14.89 20.63 -21.91
N GLU A 391 -15.66 20.41 -22.99
CA GLU A 391 -17.07 20.03 -22.86
C GLU A 391 -17.35 18.95 -23.90
N SER A 392 -17.28 17.69 -23.48
CA SER A 392 -17.59 16.58 -24.38
C SER A 392 -19.08 16.51 -24.66
N LEU A 393 -19.89 16.28 -23.62
CA LEU A 393 -21.34 16.34 -23.68
C LEU A 393 -21.97 15.32 -24.62
N GLN A 394 -21.17 14.49 -25.27
CA GLN A 394 -21.71 13.42 -26.11
C GLN A 394 -20.71 12.26 -26.15
N LEU A 395 -21.01 11.23 -25.38
CA LEU A 395 -20.24 10.00 -25.44
C LEU A 395 -21.11 8.77 -25.61
N HIS A 396 -22.27 8.74 -24.96
CA HIS A 396 -23.28 7.68 -25.06
C HIS A 396 -22.79 6.33 -24.54
N LEU A 397 -21.66 6.28 -23.84
CA LEU A 397 -21.20 5.06 -23.20
C LEU A 397 -20.31 5.42 -22.02
N LEU A 398 -19.90 4.40 -21.27
CA LEU A 398 -19.10 4.55 -20.07
C LEU A 398 -17.83 3.72 -20.18
N GLU A 399 -17.15 3.85 -21.32
CA GLU A 399 -15.94 3.07 -21.58
C GLU A 399 -14.79 3.45 -20.66
N MET A 400 -14.79 4.66 -20.12
CA MET A 400 -13.70 5.17 -19.27
C MET A 400 -12.37 5.18 -20.06
N TYR A 401 -12.35 6.02 -21.09
CA TYR A 401 -11.13 6.19 -21.86
C TYR A 401 -10.14 7.08 -21.09
N PRO A 402 -8.84 6.94 -21.37
CA PRO A 402 -7.81 7.39 -20.41
C PRO A 402 -7.88 8.85 -19.99
N MET A 403 -8.32 9.09 -18.76
CA MET A 403 -8.40 10.40 -18.10
C MET A 403 -7.65 10.40 -16.79
N LEU A 404 -6.45 9.81 -16.77
CA LEU A 404 -5.57 9.87 -15.61
C LEU A 404 -4.45 10.83 -15.99
N GLU A 405 -4.61 12.10 -15.59
CA GLU A 405 -3.78 13.16 -16.14
C GLU A 405 -3.80 14.36 -15.18
N SER A 406 -3.42 15.52 -15.69
CA SER A 406 -3.13 16.74 -14.95
C SER A 406 -4.36 17.39 -14.33
N ILE A 407 -5.48 16.67 -14.27
CA ILE A 407 -6.76 17.17 -13.79
C ILE A 407 -6.66 17.88 -12.45
N GLN A 408 -5.55 17.65 -11.73
CA GLN A 408 -5.39 18.15 -10.37
C GLN A 408 -5.61 19.66 -10.26
N LYS A 409 -5.23 20.40 -11.30
CA LYS A 409 -5.49 21.83 -11.31
C LYS A 409 -6.98 22.13 -11.17
N TYR A 410 -7.84 21.21 -11.57
CA TYR A 410 -9.29 21.34 -11.40
C TYR A 410 -9.81 20.65 -10.14
N LEU A 411 -8.99 19.85 -9.47
CA LEU A 411 -9.39 19.16 -8.25
C LEU A 411 -8.74 19.70 -6.99
N TRP A 412 -7.44 20.03 -7.04
CA TRP A 412 -6.72 20.54 -5.88
C TRP A 412 -7.35 21.80 -5.28
N PRO A 413 -7.87 22.74 -6.09
CA PRO A 413 -8.56 23.89 -5.48
C PRO A 413 -9.70 23.50 -4.56
N ARG A 414 -10.32 22.33 -4.77
CA ARG A 414 -11.38 21.87 -3.89
C ARG A 414 -10.85 21.29 -2.59
N LEU A 415 -9.56 20.90 -2.55
CA LEU A 415 -8.98 20.22 -1.40
C LEU A 415 -7.86 21.04 -0.76
N CYS A 416 -7.98 22.36 -0.80
CA CYS A 416 -6.91 23.21 -0.25
C CYS A 416 -6.90 23.19 1.27
N LYS A 417 -8.07 23.25 1.91
CA LYS A 417 -8.17 23.44 3.36
C LYS A 417 -8.92 22.29 4.00
N LEU A 418 -8.19 21.20 4.31
CA LEU A 418 -8.75 20.08 5.04
C LEU A 418 -7.71 19.60 6.05
N ASP A 419 -8.17 18.79 7.00
CA ASP A 419 -7.28 18.24 8.01
C ASP A 419 -6.31 17.25 7.40
N GLN A 420 -5.11 17.19 7.98
CA GLN A 420 -4.10 16.26 7.49
C GLN A 420 -4.53 14.82 7.69
N LYS A 421 -5.05 14.48 8.88
CA LYS A 421 -5.53 13.13 9.10
C LYS A 421 -6.71 12.80 8.19
N THR A 422 -7.55 13.79 7.89
CA THR A 422 -8.64 13.59 6.95
C THR A 422 -8.11 13.18 5.58
N LEU A 423 -7.09 13.88 5.10
CA LEU A 423 -6.51 13.54 3.80
C LEU A 423 -5.82 12.19 3.83
N TYR A 424 -5.13 11.87 4.92
CA TYR A 424 -4.49 10.56 5.05
C TYR A 424 -5.51 9.45 4.98
N GLU A 425 -6.59 9.55 5.77
CA GLU A 425 -7.60 8.51 5.76
C GLU A 425 -8.31 8.45 4.40
N LEU A 426 -8.55 9.61 3.79
CA LEU A 426 -9.20 9.62 2.48
C LEU A 426 -8.35 8.88 1.47
N HIS A 427 -7.03 9.14 1.45
CA HIS A 427 -6.15 8.47 0.51
C HIS A 427 -6.13 6.96 0.77
N TYR A 428 -5.96 6.57 2.03
CA TYR A 428 -5.89 5.15 2.38
C TYR A 428 -7.16 4.41 1.96
N GLN A 429 -8.31 4.94 2.38
CA GLN A 429 -9.57 4.29 2.11
C GLN A 429 -9.91 4.34 0.62
N MET A 430 -9.53 5.43 -0.06
CA MET A 430 -9.73 5.51 -1.49
C MET A 430 -8.96 4.44 -2.24
N ILE A 431 -7.68 4.22 -1.89
CA ILE A 431 -6.91 3.24 -2.65
C ILE A 431 -7.41 1.84 -2.35
N THR A 432 -7.75 1.53 -1.09
CA THR A 432 -8.25 0.18 -0.83
C THR A 432 -9.62 -0.03 -1.46
N PHE A 433 -10.47 1.00 -1.48
CA PHE A 433 -11.79 0.92 -2.10
C PHE A 433 -11.68 0.74 -3.60
N GLY A 434 -10.74 1.45 -4.24
CA GLY A 434 -10.49 1.23 -5.65
C GLY A 434 -9.96 -0.16 -5.94
N LYS A 435 -9.11 -0.68 -5.05
CA LYS A 435 -8.60 -2.03 -5.22
C LYS A 435 -9.72 -3.06 -5.15
N VAL A 436 -10.67 -2.86 -4.24
CA VAL A 436 -11.65 -3.91 -3.95
C VAL A 436 -12.95 -3.73 -4.74
N PHE A 437 -13.42 -2.50 -4.91
CA PHE A 437 -14.76 -2.25 -5.44
C PHE A 437 -14.78 -1.69 -6.86
N CYS A 438 -13.86 -0.81 -7.22
CA CYS A 438 -13.89 -0.15 -8.53
C CYS A 438 -12.67 -0.59 -9.32
N THR A 439 -12.82 -1.69 -10.06
CA THR A 439 -11.77 -2.20 -10.92
C THR A 439 -12.02 -1.76 -12.36
N LYS A 440 -10.94 -1.58 -13.11
CA LYS A 440 -11.06 -1.14 -14.50
C LYS A 440 -11.88 -2.12 -15.34
N SER A 441 -11.95 -3.38 -14.95
CA SER A 441 -12.70 -4.40 -15.70
C SER A 441 -13.82 -4.93 -14.81
N LYS A 442 -15.06 -4.54 -15.12
CA LYS A 442 -16.24 -5.04 -14.46
C LYS A 442 -16.23 -4.79 -12.95
N PRO A 443 -16.53 -3.54 -12.52
CA PRO A 443 -16.64 -3.34 -11.08
C PRO A 443 -17.81 -4.10 -10.49
N ASN A 444 -17.75 -4.45 -9.20
CA ASN A 444 -18.89 -5.08 -8.55
C ASN A 444 -19.68 -3.90 -8.18
N CYS A 445 -20.15 -3.14 -9.18
CA CYS A 445 -20.85 -1.87 -8.90
C CYS A 445 -22.16 -2.07 -8.14
N ASN A 446 -22.78 -3.26 -8.26
CA ASN A 446 -24.06 -3.47 -7.67
C ASN A 446 -23.84 -3.44 -6.18
N ALA A 447 -22.71 -3.93 -5.73
CA ALA A 447 -22.52 -3.99 -4.31
C ALA A 447 -21.90 -2.76 -3.68
N CYS A 448 -21.56 -1.72 -4.45
CA CYS A 448 -20.92 -0.59 -3.78
C CYS A 448 -21.95 0.29 -3.09
N PRO A 449 -21.67 0.70 -1.87
CA PRO A 449 -22.63 1.54 -1.13
C PRO A 449 -22.98 2.83 -1.85
N MET A 450 -22.09 3.33 -2.71
CA MET A 450 -22.44 4.46 -3.57
C MET A 450 -23.15 4.03 -4.84
N LYS A 451 -23.73 2.83 -4.88
CA LYS A 451 -24.53 2.46 -6.04
C LYS A 451 -25.68 3.45 -6.25
N GLY A 452 -26.21 4.02 -5.17
CA GLY A 452 -27.23 5.03 -5.30
C GLY A 452 -26.65 6.39 -5.63
N GLU A 453 -25.32 6.48 -5.66
CA GLU A 453 -24.65 7.75 -5.92
C GLU A 453 -23.56 7.70 -6.97
N CYS A 454 -22.97 6.54 -7.28
CA CYS A 454 -21.96 6.47 -8.33
C CYS A 454 -22.61 6.75 -9.67
N ARG A 455 -22.02 7.68 -10.43
CA ARG A 455 -22.62 8.08 -11.69
C ARG A 455 -22.59 6.95 -12.71
N HIS A 456 -21.54 6.12 -12.67
CA HIS A 456 -21.45 5.00 -13.60
C HIS A 456 -22.57 3.98 -13.38
N PHE A 457 -22.95 3.72 -12.13
CA PHE A 457 -24.02 2.76 -11.90
C PHE A 457 -25.36 3.25 -12.41
N ALA A 458 -25.58 4.56 -12.51
CA ALA A 458 -26.83 5.08 -13.06
C ALA A 458 -26.95 4.79 -14.55
N SER A 459 -25.82 4.55 -15.23
CA SER A 459 -25.85 4.25 -16.65
C SER A 459 -26.56 2.93 -16.95
N ALA A 460 -26.60 2.00 -15.99
CA ALA A 460 -27.24 0.71 -16.19
C ALA A 460 -28.47 0.49 -15.33
N PHE A 461 -28.67 1.29 -14.29
CA PHE A 461 -29.78 1.08 -13.38
C PHE A 461 -30.17 2.36 -12.67
N SER A 561 -14.21 -19.60 -6.83
CA SER A 561 -13.79 -20.88 -7.39
C SER A 561 -12.28 -20.94 -7.52
N GLN A 562 -11.76 -20.50 -8.66
CA GLN A 562 -10.32 -20.45 -8.89
C GLN A 562 -9.69 -19.17 -8.34
N LEU A 563 -10.50 -18.20 -7.93
CA LEU A 563 -9.99 -16.91 -7.47
C LEU A 563 -9.60 -16.94 -6.00
N ARG A 564 -10.48 -17.46 -5.14
CA ARG A 564 -10.24 -17.51 -3.70
C ARG A 564 -9.98 -18.93 -3.25
N THR A 565 -9.08 -19.07 -2.28
CA THR A 565 -8.70 -20.38 -1.72
C THR A 565 -8.56 -20.19 -0.22
N GLU A 566 -9.63 -20.46 0.52
CA GLU A 566 -9.71 -20.16 1.94
C GLU A 566 -9.68 -21.43 2.78
N HIS A 567 -9.12 -21.30 3.98
CA HIS A 567 -9.00 -22.42 4.91
C HIS A 567 -9.39 -21.91 6.29
N ARG A 568 -10.42 -22.52 6.88
CA ARG A 568 -10.91 -22.10 8.18
C ARG A 568 -9.95 -22.61 9.25
N VAL A 569 -9.12 -21.73 9.80
CA VAL A 569 -8.05 -22.09 10.71
C VAL A 569 -8.18 -21.28 11.99
N TYR A 570 -7.24 -21.48 12.90
CA TYR A 570 -7.29 -20.92 14.24
C TYR A 570 -6.11 -19.98 14.45
N GLU A 571 -6.38 -18.83 15.06
CA GLU A 571 -5.33 -17.84 15.31
C GLU A 571 -4.52 -18.21 16.54
N LEU A 572 -3.33 -17.63 16.63
CA LEU A 572 -2.39 -17.97 17.70
C LEU A 572 -2.37 -16.87 18.75
N PRO A 573 -2.60 -17.18 20.02
CA PRO A 573 -2.45 -16.17 21.07
C PRO A 573 -1.01 -15.69 21.16
N ASP A 574 -0.84 -14.47 21.66
CA ASP A 574 0.45 -13.80 21.70
C ASP A 574 1.40 -14.35 22.75
N GLU A 575 0.97 -15.32 23.56
CA GLU A 575 1.85 -15.87 24.59
C GLU A 575 1.92 -17.39 24.47
N HIS A 576 2.17 -17.88 23.26
CA HIS A 576 2.29 -19.31 23.02
C HIS A 576 3.75 -19.71 23.06
N PRO A 577 4.16 -20.62 23.94
CA PRO A 577 5.59 -20.90 24.12
C PRO A 577 6.28 -21.44 22.87
N LEU A 578 5.56 -22.08 21.96
CA LEU A 578 6.17 -22.59 20.74
C LEU A 578 6.50 -21.49 19.75
N LEU A 579 6.06 -20.25 19.99
CA LEU A 579 6.32 -19.13 19.10
C LEU A 579 7.47 -18.27 19.57
N ALA A 580 8.37 -18.83 20.39
CA ALA A 580 9.47 -18.06 20.94
C ALA A 580 10.44 -17.58 19.86
N GLN A 581 10.45 -18.23 18.70
CA GLN A 581 11.36 -17.89 17.62
C GLN A 581 10.72 -16.93 16.61
N LEU A 582 9.74 -16.15 17.03
CA LEU A 582 8.93 -15.36 16.11
C LEU A 582 8.98 -13.87 16.46
N GLU A 583 10.18 -13.36 16.66
CA GLU A 583 10.50 -11.93 16.69
C GLU A 583 9.82 -11.14 17.80
N LYS A 584 9.11 -11.79 18.73
CA LYS A 584 8.52 -11.12 19.89
C LYS A 584 7.59 -9.98 19.45
N ARG A 585 6.45 -10.42 18.89
CA ARG A 585 5.45 -9.54 18.30
C ARG A 585 5.26 -8.23 19.07
N GLU A 586 5.14 -7.14 18.31
CA GLU A 586 4.95 -5.80 18.85
C GLU A 586 3.47 -5.53 19.08
N PRO A 587 3.13 -4.55 19.91
CA PRO A 587 1.74 -4.34 20.33
C PRO A 587 0.88 -3.43 19.45
N ASP A 588 1.26 -3.11 18.22
CA ASP A 588 0.51 -2.13 17.45
C ASP A 588 -0.08 -2.74 16.18
N ASP A 589 -0.70 -3.91 16.30
CA ASP A 589 -1.46 -4.52 15.21
C ASP A 589 -2.82 -4.96 15.71
N PRO A 590 -3.92 -4.55 15.07
CA PRO A 590 -5.23 -5.10 15.44
C PRO A 590 -5.31 -6.60 15.27
N CYS A 591 -4.64 -7.14 14.27
CA CYS A 591 -4.62 -8.57 13.98
C CYS A 591 -3.49 -9.24 14.73
N SER A 592 -3.56 -10.57 14.81
CA SER A 592 -2.62 -11.36 15.60
C SER A 592 -1.97 -12.42 14.72
N TYR A 593 -1.24 -13.33 15.37
CA TYR A 593 -0.60 -14.42 14.66
C TYR A 593 -1.63 -15.44 14.20
N LEU A 594 -1.32 -16.15 13.10
CA LEU A 594 -2.19 -17.18 12.56
C LEU A 594 -1.40 -18.47 12.36
N LEU A 595 -2.14 -19.57 12.29
CA LEU A 595 -1.57 -20.88 12.00
C LEU A 595 -2.46 -21.60 11.00
N ALA A 596 -1.87 -22.20 9.97
CA ALA A 596 -2.59 -22.91 8.93
C ALA A 596 -2.50 -24.41 9.18
N ILE A 597 -3.64 -25.09 9.16
CA ILE A 597 -3.71 -26.51 9.44
C ILE A 597 -4.15 -27.25 8.18
N TRP A 598 -3.93 -28.56 8.18
CA TRP A 598 -4.35 -29.40 7.06
C TRP A 598 -5.55 -30.24 7.44
N VAL A 642 -0.89 -32.39 15.47
CA VAL A 642 0.10 -33.28 14.85
C VAL A 642 0.60 -32.63 13.56
N ARG A 643 -0.21 -31.72 13.02
CA ARG A 643 0.13 -31.01 11.80
C ARG A 643 -0.07 -29.53 12.04
N GLY A 644 0.77 -28.70 11.43
CA GLY A 644 0.60 -27.26 11.58
C GLY A 644 1.54 -26.49 10.69
N THR A 645 1.15 -25.25 10.42
CA THR A 645 1.94 -24.30 9.64
C THR A 645 1.54 -22.90 10.07
N ILE A 646 2.53 -22.06 10.35
CA ILE A 646 2.28 -20.78 11.00
C ILE A 646 2.16 -19.66 9.98
N LEU A 647 1.58 -18.53 10.40
CA LEU A 647 1.52 -17.31 9.61
C LEU A 647 1.91 -16.14 10.49
N ILE A 648 2.53 -15.13 9.89
CA ILE A 648 3.03 -13.99 10.65
C ILE A 648 2.51 -12.69 10.05
N PRO A 649 2.18 -11.69 10.86
CA PRO A 649 1.76 -10.40 10.32
C PRO A 649 2.91 -9.65 9.65
N CYS A 650 2.54 -8.72 8.77
CA CYS A 650 3.53 -7.99 7.99
C CYS A 650 4.34 -7.05 8.88
N ARG A 651 3.66 -6.26 9.71
CA ARG A 651 4.35 -5.28 10.53
C ARG A 651 5.31 -5.95 11.51
N THR A 652 4.89 -7.06 12.10
CA THR A 652 5.79 -7.83 12.96
C THR A 652 6.98 -8.38 12.19
N ALA A 653 6.74 -8.89 10.98
CA ALA A 653 7.81 -9.47 10.19
C ALA A 653 8.85 -8.43 9.82
N MET A 654 8.42 -7.25 9.42
CA MET A 654 9.34 -6.20 9.03
C MET A 654 9.73 -5.28 10.17
N ARG A 655 9.27 -5.55 11.39
CA ARG A 655 9.50 -4.69 12.55
C ARG A 655 8.98 -3.27 12.30
N GLY A 656 7.86 -3.17 11.57
CA GLY A 656 7.44 -1.86 11.14
C GLY A 656 8.46 -1.26 10.20
N SER A 657 8.64 0.05 10.31
CA SER A 657 9.68 0.78 9.60
C SER A 657 9.63 0.51 8.10
N PHE A 658 8.42 0.56 7.56
CA PHE A 658 8.26 0.44 6.13
C PHE A 658 8.01 1.80 5.50
N PRO A 659 8.59 2.06 4.32
CA PRO A 659 8.43 3.37 3.70
C PRO A 659 6.98 3.64 3.35
N LEU A 660 6.67 4.92 3.18
CA LEU A 660 5.34 5.40 2.83
C LEU A 660 4.33 5.05 3.93
N ASN A 661 4.82 4.95 5.16
CA ASN A 661 4.01 4.70 6.35
C ASN A 661 3.26 3.37 6.24
N GLY A 662 3.76 2.46 5.43
CA GLY A 662 3.16 1.14 5.34
C GLY A 662 1.82 1.09 4.65
N THR A 663 1.53 2.02 3.75
CA THR A 663 0.27 1.95 3.02
C THR A 663 0.31 0.91 1.90
N TYR A 664 1.46 0.26 1.69
CA TYR A 664 1.54 -0.82 0.72
C TYR A 664 0.59 -1.96 1.09
N PHE A 665 0.35 -2.15 2.38
CA PHE A 665 -0.23 -3.37 2.89
C PHE A 665 -1.63 -3.14 3.43
N GLN A 666 -2.47 -4.16 3.28
CA GLN A 666 -3.81 -4.12 3.87
C GLN A 666 -3.72 -4.29 5.38
N VAL A 667 -4.83 -3.94 6.05
CA VAL A 667 -4.88 -4.08 7.50
C VAL A 667 -4.77 -5.56 7.90
N ASN A 668 -5.53 -6.41 7.24
CA ASN A 668 -5.48 -7.86 7.49
C ASN A 668 -4.60 -8.48 6.41
N GLU A 669 -3.32 -8.16 6.48
CA GLU A 669 -2.33 -8.72 5.57
C GLU A 669 -1.24 -9.41 6.38
N VAL A 670 -0.94 -10.65 6.03
CA VAL A 670 0.01 -11.47 6.77
C VAL A 670 1.01 -12.07 5.79
N PHE A 671 2.17 -12.44 6.33
CA PHE A 671 3.21 -13.11 5.56
C PHE A 671 3.14 -14.62 5.78
N ALA A 672 3.80 -15.35 4.88
CA ALA A 672 3.96 -16.78 5.01
C ALA A 672 5.42 -17.08 5.30
N ASP A 673 5.69 -17.77 6.41
CA ASP A 673 7.07 -18.09 6.75
C ASP A 673 7.60 -19.17 5.81
N HIS A 674 8.72 -18.87 5.15
CA HIS A 674 9.25 -19.78 4.15
C HIS A 674 9.71 -21.08 4.79
N ALA A 675 10.35 -21.00 5.95
CA ALA A 675 10.81 -22.17 6.67
C ALA A 675 9.64 -23.03 7.12
N SER A 676 8.58 -22.40 7.62
CA SER A 676 7.40 -23.14 8.05
C SER A 676 6.63 -23.73 6.87
N SER A 677 6.91 -23.28 5.65
CA SER A 677 6.25 -23.84 4.49
C SER A 677 7.07 -24.99 3.88
N LEU A 678 8.39 -24.83 3.84
CA LEU A 678 9.23 -25.88 3.26
C LEU A 678 9.12 -27.17 4.07
N ASN A 679 9.32 -27.09 5.37
CA ASN A 679 9.19 -28.23 6.26
C ASN A 679 8.26 -27.81 7.40
N PRO A 680 6.95 -27.96 7.26
CA PRO A 680 6.05 -27.53 8.33
C PRO A 680 6.27 -28.33 9.60
N ILE A 681 5.93 -27.73 10.73
CA ILE A 681 6.22 -28.28 12.04
C ILE A 681 5.09 -29.22 12.44
N ASN A 682 5.44 -30.32 13.10
CA ASN A 682 4.47 -31.29 13.62
C ASN A 682 4.14 -30.93 15.05
N VAL A 683 2.92 -30.49 15.30
CA VAL A 683 2.50 -30.07 16.64
C VAL A 683 1.35 -30.95 17.13
N PRO A 684 1.64 -31.99 17.94
CA PRO A 684 0.61 -32.88 18.48
C PRO A 684 -0.11 -32.29 19.68
N ILE A 688 -5.94 -26.99 21.16
CA ILE A 688 -5.58 -26.55 19.83
C ILE A 688 -6.80 -26.52 18.92
N TRP A 689 -7.93 -27.00 19.46
CA TRP A 689 -9.19 -26.98 18.73
C TRP A 689 -10.16 -25.93 19.24
N GLU A 690 -10.06 -25.54 20.51
CA GLU A 690 -10.99 -24.59 21.10
C GLU A 690 -10.64 -23.13 20.76
N LEU A 691 -9.51 -22.91 20.11
CA LEU A 691 -9.13 -21.57 19.71
C LEU A 691 -10.11 -21.03 18.67
N PRO A 692 -10.30 -19.71 18.61
CA PRO A 692 -11.25 -19.14 17.64
C PRO A 692 -10.87 -19.50 16.21
N ARG A 693 -11.89 -19.74 15.39
CA ARG A 693 -11.69 -20.16 14.00
C ARG A 693 -11.75 -18.93 13.09
N ARG A 694 -10.73 -18.78 12.25
CA ARG A 694 -10.61 -17.64 11.35
C ARG A 694 -10.23 -18.14 9.96
N THR A 695 -10.50 -17.31 8.96
CA THR A 695 -10.31 -17.66 7.56
C THR A 695 -9.13 -16.88 6.98
N VAL A 696 -8.50 -17.44 5.95
CA VAL A 696 -7.21 -16.94 5.49
C VAL A 696 -7.29 -16.23 4.13
N TYR A 697 -8.23 -16.65 3.28
CA TYR A 697 -8.46 -16.03 1.97
C TYR A 697 -7.15 -15.88 1.19
N PHE A 698 -6.54 -17.00 0.84
CA PHE A 698 -5.32 -16.95 0.05
C PHE A 698 -5.61 -16.56 -1.40
N GLY A 699 -4.55 -16.18 -2.11
CA GLY A 699 -4.70 -15.76 -3.49
C GLY A 699 -3.39 -15.25 -4.06
N THR A 700 -3.51 -14.29 -4.99
CA THR A 700 -2.35 -13.74 -5.67
C THR A 700 -2.29 -12.22 -5.67
N SER A 701 -3.39 -11.53 -5.38
CA SER A 701 -3.43 -10.07 -5.32
C SER A 701 -4.72 -9.69 -4.61
N VAL A 702 -4.91 -8.39 -4.39
CA VAL A 702 -6.14 -7.89 -3.78
C VAL A 702 -7.32 -8.07 -4.74
N PRO A 703 -7.29 -7.51 -5.96
CA PRO A 703 -8.47 -7.62 -6.82
C PRO A 703 -8.84 -9.05 -7.19
N THR A 704 -7.88 -9.96 -7.31
CA THR A 704 -8.19 -11.32 -7.71
C THR A 704 -9.05 -12.03 -6.67
N ILE A 705 -8.69 -11.88 -5.39
CA ILE A 705 -9.43 -12.54 -4.32
C ILE A 705 -10.83 -11.98 -4.13
N PHE A 706 -11.02 -10.67 -4.30
CA PHE A 706 -12.27 -10.02 -3.95
C PHE A 706 -13.24 -9.91 -5.11
N LYS A 707 -12.95 -10.52 -6.25
CA LYS A 707 -13.86 -10.46 -7.39
C LYS A 707 -14.98 -11.47 -7.24
N GLY A 708 -16.21 -11.01 -7.46
CA GLY A 708 -17.39 -11.85 -7.44
C GLY A 708 -18.00 -12.02 -6.06
N LEU A 709 -17.30 -11.62 -5.01
CA LEU A 709 -17.78 -11.81 -3.65
C LEU A 709 -18.96 -10.88 -3.36
N SER A 710 -19.88 -11.36 -2.53
CA SER A 710 -20.99 -10.56 -2.07
C SER A 710 -20.54 -9.60 -0.98
N THR A 711 -21.38 -8.60 -0.70
CA THR A 711 -21.02 -7.56 0.26
C THR A 711 -20.78 -8.14 1.65
N GLU A 712 -21.64 -9.07 2.07
CA GLU A 712 -21.51 -9.65 3.41
C GLU A 712 -20.20 -10.42 3.57
N LYS A 713 -19.77 -11.14 2.52
CA LYS A 713 -18.50 -11.84 2.60
C LYS A 713 -17.34 -10.85 2.71
N ILE A 714 -17.43 -9.73 1.99
CA ILE A 714 -16.41 -8.68 2.09
C ILE A 714 -16.36 -8.14 3.52
N GLN A 715 -17.52 -7.87 4.10
CA GLN A 715 -17.57 -7.37 5.47
C GLN A 715 -16.96 -8.39 6.44
N ALA A 716 -17.28 -9.67 6.24
CA ALA A 716 -16.75 -10.71 7.10
C ALA A 716 -15.23 -10.80 7.00
N CYS A 717 -14.70 -10.70 5.78
CA CYS A 717 -13.25 -10.84 5.63
C CYS A 717 -12.51 -9.58 6.06
N PHE A 718 -13.22 -8.45 6.18
CA PHE A 718 -12.57 -7.29 6.77
C PHE A 718 -12.68 -7.24 8.29
N TRP A 719 -13.72 -7.82 8.89
CA TRP A 719 -13.78 -7.87 10.34
C TRP A 719 -13.02 -9.05 10.94
N LYS A 720 -13.30 -10.28 10.53
CA LYS A 720 -12.62 -11.44 11.09
C LYS A 720 -11.97 -12.27 9.98
N GLY A 721 -11.40 -11.59 8.99
CA GLY A 721 -10.76 -12.25 7.87
C GLY A 721 -9.32 -11.77 7.72
N TYR A 722 -8.63 -12.40 6.77
CA TYR A 722 -7.22 -12.14 6.55
C TYR A 722 -6.92 -12.31 5.06
N VAL A 723 -5.80 -11.73 4.63
CA VAL A 723 -5.36 -11.83 3.24
C VAL A 723 -3.85 -12.05 3.22
N CYS A 724 -3.40 -12.93 2.33
CA CYS A 724 -1.98 -13.18 2.11
C CYS A 724 -1.75 -13.52 0.66
N VAL A 725 -0.73 -12.91 0.06
CA VAL A 725 -0.46 -13.11 -1.37
C VAL A 725 1.01 -13.46 -1.62
N ARG A 726 1.80 -13.61 -0.55
CA ARG A 726 3.23 -13.82 -0.72
C ARG A 726 3.80 -14.53 0.49
N GLY A 727 5.08 -14.89 0.39
CA GLY A 727 5.78 -15.57 1.47
C GLY A 727 7.01 -14.81 1.93
N PHE A 728 7.59 -15.22 3.05
CA PHE A 728 8.72 -14.51 3.63
C PHE A 728 9.64 -15.48 4.34
N ASP A 729 10.94 -15.23 4.24
CA ASP A 729 11.94 -16.04 4.93
C ASP A 729 12.49 -15.30 6.13
N ARG A 730 12.46 -15.96 7.29
CA ARG A 730 12.88 -15.32 8.53
C ARG A 730 14.40 -15.15 8.62
N LYS A 731 15.16 -16.13 8.14
CA LYS A 731 16.61 -16.10 8.32
C LYS A 731 17.25 -14.99 7.50
N THR A 732 17.08 -15.04 6.18
CA THR A 732 17.65 -14.02 5.32
C THR A 732 16.82 -12.74 5.29
N ARG A 733 15.64 -12.75 5.89
CA ARG A 733 14.73 -11.61 5.92
C ARG A 733 14.36 -11.15 4.51
N GLY A 734 14.32 -12.07 3.55
CA GLY A 734 14.05 -11.74 2.18
C GLY A 734 12.76 -12.35 1.67
N PRO A 735 12.16 -11.69 0.67
CA PRO A 735 10.96 -12.25 0.04
C PRO A 735 11.28 -13.44 -0.84
N LYS A 736 10.31 -14.35 -0.91
CA LYS A 736 10.43 -15.54 -1.74
C LYS A 736 9.07 -15.86 -2.33
N PRO A 737 9.03 -16.56 -3.46
CA PRO A 737 7.75 -16.91 -4.08
C PRO A 737 6.89 -17.75 -3.13
N LEU A 738 5.58 -17.53 -3.21
CA LEU A 738 4.63 -18.26 -2.37
C LEU A 738 4.64 -19.74 -2.69
N ILE A 739 4.47 -20.55 -1.65
CA ILE A 739 4.40 -22.00 -1.82
C ILE A 739 3.11 -22.36 -2.54
N ALA A 740 3.18 -23.38 -3.39
CA ALA A 740 2.04 -23.75 -4.23
C ALA A 740 1.11 -24.72 -3.51
N ARG A 741 1.41 -25.00 -2.24
CA ARG A 741 0.63 -25.97 -1.48
C ARG A 741 -0.76 -25.46 -1.10
N LEU A 742 -1.02 -24.17 -1.26
CA LEU A 742 -2.33 -23.60 -0.94
C LEU A 742 -3.01 -22.95 -2.15
N HIS A 743 -2.30 -22.09 -2.88
CA HIS A 743 -2.90 -21.43 -4.03
C HIS A 743 -1.89 -21.31 -5.17
#